data_9E5P
#
_entry.id   9E5P
#
_cell.length_a   41.112
_cell.length_b   78.063
_cell.length_c   80.115
_cell.angle_alpha   90.00
_cell.angle_beta   90.07
_cell.angle_gamma   90.00
#
_symmetry.space_group_name_H-M   'P 1 21 1'
#
loop_
_entity.id
_entity.type
_entity.pdbx_description
1 polymer 'RNA (76-MER)'
2 non-polymer ethynyl-benzofuran-cobalamin
3 non-polymer N-methylpropane-1,3-diamine
4 non-polymer 'MAGNESIUM ION'
5 non-polymer 'POTASSIUM ION'
6 water water
#
_entity_poly.entity_id   1
_entity_poly.type   'polyribonucleotide'
_entity_poly.pdbx_seq_one_letter_code
;(GDP)GUAAAAGCAUAGUGGGAAAGUGACGUGAAAUUCGUCCACACGAAAGUAAGGUCAUAGUCCGAAUGCCACCUACCA
;
_entity_poly.pdbx_strand_id   A,B
#